data_1LVB
#
_entry.id   1LVB
#
_cell.length_a   125.317
_cell.length_b   125.317
_cell.length_c   127.933
_cell.angle_alpha   90.00
_cell.angle_beta   90.00
_cell.angle_gamma   90.00
#
_symmetry.space_group_name_H-M   'P 42 21 2'
#
loop_
_entity.id
_entity.type
_entity.pdbx_description
1 polymer 'CATALYTIC DOMAIN OF THE NUCLEAR INCLUSION PROTEIN A (NIA)'
2 polymer 'OLIGOPEPTIDE SUBSTRATE FOR THE PROTEASE'
3 non-polymer GLYCEROL
4 water water
#
loop_
_entity_poly.entity_id
_entity_poly.type
_entity_poly.pdbx_seq_one_letter_code
_entity_poly.pdbx_strand_id
1 'polypeptide(L)'
;SHHHHHHGESLFKGPRDYNPISSTICHLTNESDGHTTSLYGIGFGPFIITNKHLFRRNNGTLLVQSLHGVFKVKNTTTLQ
QHLIDGRD(MSE)IIIR(MSE)PKDFPPFPQKLKFREPQREERICLVTTNFQTKS(MSE)SS(MSE)VSDTSCTFPSSDG
IFWKHWIQTKDGQAGSPLVSTRDGFIVGIHSASNFTNTNNYFTSVPKNF(MSE)ELLTNQEAQQWVSGWRLNADSVLWGG
HKVF(MSE)SKPEEPFQPVKEATQLMN
;
A,B
2 'polypeptide(L)' TENLYFQSGT C,D
#
# COMPACT_ATOMS: atom_id res chain seq x y z
N PRO A 15 9.43 17.06 -3.59
CA PRO A 15 9.77 15.74 -4.16
C PRO A 15 8.50 15.04 -4.62
N ARG A 16 8.58 14.33 -5.73
CA ARG A 16 7.44 13.61 -6.27
C ARG A 16 7.07 12.44 -5.36
N ASP A 17 5.77 12.20 -5.20
CA ASP A 17 5.29 11.08 -4.39
C ASP A 17 4.95 9.92 -5.33
N TYR A 18 5.67 8.81 -5.19
CA TYR A 18 5.46 7.65 -6.04
C TYR A 18 4.56 6.58 -5.43
N ASN A 19 4.05 6.79 -4.22
CA ASN A 19 3.20 5.78 -3.63
C ASN A 19 1.98 5.44 -4.49
N PRO A 20 1.43 6.42 -5.22
CA PRO A 20 0.26 6.07 -6.05
C PRO A 20 0.65 4.98 -7.06
N ILE A 21 1.95 4.91 -7.39
CA ILE A 21 2.45 3.90 -8.33
C ILE A 21 2.87 2.62 -7.62
N SER A 22 3.72 2.73 -6.59
CA SER A 22 4.19 1.56 -5.88
C SER A 22 3.06 0.74 -5.24
N SER A 23 1.97 1.42 -4.89
CA SER A 23 0.86 0.74 -4.25
C SER A 23 0.06 -0.15 -5.20
N THR A 24 0.31 -0.03 -6.50
CA THR A 24 -0.40 -0.86 -7.48
C THR A 24 0.49 -2.02 -7.95
N ILE A 25 1.70 -2.12 -7.42
CA ILE A 25 2.59 -3.20 -7.82
C ILE A 25 2.18 -4.52 -7.18
N CYS A 26 2.19 -5.58 -7.99
CA CYS A 26 1.82 -6.93 -7.56
C CYS A 26 3.01 -7.86 -7.78
N HIS A 27 3.13 -8.89 -6.94
CA HIS A 27 4.19 -9.87 -7.13
C HIS A 27 3.46 -11.08 -7.69
N LEU A 28 3.99 -11.63 -8.79
CA LEU A 28 3.36 -12.75 -9.47
C LEU A 28 4.23 -14.00 -9.47
N THR A 29 3.60 -15.13 -9.17
CA THR A 29 4.32 -16.38 -9.15
C THR A 29 3.58 -17.41 -10.01
N ASN A 30 4.20 -17.77 -11.13
CA ASN A 30 3.61 -18.74 -12.04
C ASN A 30 4.19 -20.10 -11.72
N GLU A 31 3.34 -20.98 -11.20
CA GLU A 31 3.74 -22.34 -10.82
C GLU A 31 3.15 -23.33 -11.83
N SER A 32 4.01 -23.88 -12.68
CA SER A 32 3.57 -24.85 -13.70
C SER A 32 4.58 -25.96 -13.95
N ASP A 33 4.05 -27.16 -14.18
CA ASP A 33 4.85 -28.35 -14.45
C ASP A 33 6.08 -28.47 -13.57
N GLY A 34 5.93 -28.18 -12.28
CA GLY A 34 7.03 -28.28 -11.36
C GLY A 34 8.06 -27.18 -11.43
N HIS A 35 7.73 -26.11 -12.15
CA HIS A 35 8.63 -24.98 -12.29
C HIS A 35 7.88 -23.72 -11.94
N THR A 36 8.61 -22.66 -11.57
CA THR A 36 7.96 -21.40 -11.26
C THR A 36 8.70 -20.21 -11.81
N THR A 37 7.94 -19.23 -12.26
CA THR A 37 8.51 -17.99 -12.77
C THR A 37 7.89 -16.91 -11.89
N SER A 38 8.72 -16.12 -11.22
CA SER A 38 8.20 -15.07 -10.37
C SER A 38 8.68 -13.71 -10.83
N LEU A 39 7.78 -12.73 -10.82
CA LEU A 39 8.13 -11.38 -11.23
C LEU A 39 7.02 -10.42 -10.81
N TYR A 40 7.18 -9.14 -11.11
CA TYR A 40 6.20 -8.16 -10.70
C TYR A 40 5.29 -7.69 -11.82
N GLY A 41 4.16 -7.12 -11.41
CA GLY A 41 3.20 -6.60 -12.36
C GLY A 41 2.64 -5.29 -11.82
N ILE A 42 1.90 -4.60 -12.68
CA ILE A 42 1.28 -3.33 -12.34
C ILE A 42 -0.22 -3.50 -12.48
N GLY A 43 -0.93 -3.36 -11.37
CA GLY A 43 -2.38 -3.49 -11.38
C GLY A 43 -3.07 -2.24 -11.90
N PHE A 44 -4.14 -2.40 -12.65
CA PHE A 44 -4.89 -1.29 -13.21
C PHE A 44 -6.29 -1.81 -13.50
N GLY A 45 -7.27 -1.32 -12.75
CA GLY A 45 -8.63 -1.79 -12.93
C GLY A 45 -8.66 -3.30 -12.75
N PRO A 46 -9.31 -4.04 -13.65
CA PRO A 46 -9.38 -5.50 -13.57
C PRO A 46 -8.16 -6.15 -14.23
N PHE A 47 -7.19 -5.34 -14.62
CA PHE A 47 -6.00 -5.86 -15.29
C PHE A 47 -4.73 -5.82 -14.47
N ILE A 48 -3.74 -6.57 -14.95
CA ILE A 48 -2.42 -6.59 -14.37
C ILE A 48 -1.48 -6.57 -15.57
N ILE A 49 -0.66 -5.53 -15.64
CA ILE A 49 0.29 -5.36 -16.72
C ILE A 49 1.61 -5.95 -16.24
N THR A 50 2.20 -6.83 -17.05
CA THR A 50 3.42 -7.47 -16.63
C THR A 50 4.22 -8.01 -17.83
N ASN A 51 5.31 -8.74 -17.58
CA ASN A 51 6.13 -9.28 -18.67
C ASN A 51 5.51 -10.47 -19.38
N LYS A 52 5.75 -10.54 -20.68
CA LYS A 52 5.23 -11.63 -21.48
C LYS A 52 5.91 -12.95 -21.07
N HIS A 53 7.18 -12.90 -20.69
CA HIS A 53 7.87 -14.12 -20.30
C HIS A 53 7.37 -14.75 -19.01
N LEU A 54 6.34 -14.16 -18.42
CA LEU A 54 5.76 -14.72 -17.20
C LEU A 54 5.14 -16.05 -17.64
N PHE A 55 4.76 -16.12 -18.91
CA PHE A 55 4.15 -17.31 -19.44
C PHE A 55 5.09 -18.21 -20.24
N ARG A 56 6.31 -18.34 -19.77
CA ARG A 56 7.27 -19.21 -20.41
C ARG A 56 6.58 -20.58 -20.36
N ARG A 57 5.71 -20.74 -19.36
CA ARG A 57 4.90 -21.95 -19.20
C ARG A 57 3.50 -21.45 -18.87
N ASN A 58 2.49 -22.26 -19.18
CA ASN A 58 1.11 -21.88 -18.91
C ASN A 58 0.27 -23.13 -18.75
N ASN A 59 0.45 -23.79 -17.60
CA ASN A 59 -0.28 -25.01 -17.31
C ASN A 59 -0.22 -25.26 -15.80
N GLY A 60 -0.65 -24.26 -15.04
CA GLY A 60 -0.62 -24.39 -13.59
C GLY A 60 -1.40 -23.31 -12.85
N THR A 61 -0.76 -22.69 -11.86
CA THR A 61 -1.42 -21.66 -11.07
C THR A 61 -0.65 -20.34 -11.03
N LEU A 62 -1.38 -19.25 -10.76
CA LEU A 62 -0.78 -17.94 -10.66
C LEU A 62 -1.11 -17.30 -9.31
N LEU A 63 -0.09 -17.15 -8.47
CA LEU A 63 -0.25 -16.54 -7.17
C LEU A 63 -0.05 -15.02 -7.32
N VAL A 64 -1.08 -14.24 -6.99
CA VAL A 64 -0.99 -12.80 -7.10
C VAL A 64 -1.04 -12.11 -5.73
N GLN A 65 0.04 -11.43 -5.36
CA GLN A 65 0.10 -10.73 -4.09
C GLN A 65 0.27 -9.23 -4.26
N SER A 66 -0.59 -8.46 -3.60
CA SER A 66 -0.55 -7.01 -3.63
C SER A 66 -0.95 -6.51 -2.24
N LEU A 67 -1.07 -5.20 -2.10
CA LEU A 67 -1.46 -4.66 -0.81
C LEU A 67 -2.90 -5.03 -0.45
N HIS A 68 -3.66 -5.53 -1.41
CA HIS A 68 -5.05 -5.95 -1.16
C HIS A 68 -5.11 -7.34 -0.56
N GLY A 69 -4.03 -8.10 -0.72
CA GLY A 69 -4.03 -9.45 -0.18
C GLY A 69 -3.48 -10.42 -1.20
N VAL A 70 -3.63 -11.70 -0.92
CA VAL A 70 -3.12 -12.73 -1.82
C VAL A 70 -4.25 -13.47 -2.54
N PHE A 71 -4.31 -13.32 -3.86
CA PHE A 71 -5.34 -13.95 -4.68
C PHE A 71 -4.70 -15.04 -5.53
N LYS A 72 -5.34 -16.21 -5.61
CA LYS A 72 -4.76 -17.28 -6.40
C LYS A 72 -5.63 -17.76 -7.56
N VAL A 73 -5.05 -17.79 -8.76
CA VAL A 73 -5.75 -18.26 -9.95
C VAL A 73 -5.47 -19.75 -10.02
N LYS A 74 -6.53 -20.56 -9.99
CA LYS A 74 -6.39 -22.01 -10.01
C LYS A 74 -5.94 -22.59 -11.35
N ASN A 75 -6.42 -22.02 -12.45
CA ASN A 75 -6.03 -22.51 -13.77
C ASN A 75 -5.55 -21.38 -14.67
N THR A 76 -4.23 -21.28 -14.87
CA THR A 76 -3.67 -20.23 -15.70
C THR A 76 -4.08 -20.33 -17.17
N THR A 77 -4.31 -21.55 -17.65
CA THR A 77 -4.68 -21.75 -19.05
C THR A 77 -5.95 -21.03 -19.46
N THR A 78 -6.81 -20.69 -18.50
CA THR A 78 -8.05 -20.02 -18.86
C THR A 78 -7.99 -18.53 -18.58
N LEU A 79 -6.83 -18.08 -18.12
CA LEU A 79 -6.63 -16.66 -17.82
C LEU A 79 -6.61 -15.89 -19.15
N GLN A 80 -7.44 -14.88 -19.29
CA GLN A 80 -7.46 -14.09 -20.52
C GLN A 80 -6.23 -13.18 -20.59
N GLN A 81 -5.57 -13.20 -21.74
CA GLN A 81 -4.36 -12.41 -21.92
C GLN A 81 -4.37 -11.61 -23.22
N HIS A 82 -3.75 -10.43 -23.18
CA HIS A 82 -3.60 -9.57 -24.36
C HIS A 82 -2.11 -9.38 -24.58
N LEU A 83 -1.60 -10.00 -25.65
CA LEU A 83 -0.19 -9.94 -25.97
C LEU A 83 0.15 -8.69 -26.77
N ILE A 84 1.23 -8.01 -26.38
CA ILE A 84 1.69 -6.81 -27.09
C ILE A 84 2.70 -7.28 -28.14
N ASP A 85 2.40 -7.03 -29.41
CA ASP A 85 3.30 -7.45 -30.50
C ASP A 85 4.75 -7.04 -30.27
N GLY A 86 5.66 -8.00 -30.48
CA GLY A 86 7.09 -7.76 -30.36
C GLY A 86 7.72 -7.31 -29.05
N ARG A 87 6.92 -7.14 -28.00
CA ARG A 87 7.45 -6.68 -26.73
C ARG A 87 7.26 -7.67 -25.59
N ASP A 88 8.11 -7.56 -24.57
CA ASP A 88 7.99 -8.41 -23.39
C ASP A 88 6.97 -7.78 -22.44
N ILE A 90 2.53 -7.93 -21.48
CA ILE A 90 1.27 -8.63 -21.65
C ILE A 90 0.25 -8.05 -20.67
N ILE A 91 -1.03 -8.03 -21.03
CA ILE A 91 -2.03 -7.54 -20.11
C ILE A 91 -2.87 -8.74 -19.71
N ILE A 92 -3.02 -8.95 -18.40
CA ILE A 92 -3.81 -10.06 -17.89
C ILE A 92 -5.13 -9.56 -17.34
N ARG A 93 -6.23 -10.17 -17.75
CA ARG A 93 -7.54 -9.81 -17.23
C ARG A 93 -7.74 -10.81 -16.11
N PRO A 95 -9.60 -12.85 -12.92
CA PRO A 95 -10.95 -13.41 -12.73
C PRO A 95 -11.97 -12.37 -12.26
N LYS A 96 -13.22 -12.58 -12.61
CA LYS A 96 -14.29 -11.66 -12.26
C LYS A 96 -14.36 -11.30 -10.76
N ASP A 97 -13.97 -12.23 -9.91
CA ASP A 97 -14.01 -11.99 -8.48
C ASP A 97 -12.69 -11.45 -7.91
N PHE A 98 -11.84 -10.92 -8.78
CA PHE A 98 -10.57 -10.35 -8.35
C PHE A 98 -10.81 -8.88 -8.01
N PRO A 99 -10.44 -8.46 -6.81
CA PRO A 99 -10.64 -7.05 -6.41
C PRO A 99 -9.89 -6.15 -7.38
N PRO A 100 -10.61 -5.22 -8.03
CA PRO A 100 -10.05 -4.26 -9.01
C PRO A 100 -9.08 -3.26 -8.39
N PHE A 101 -8.11 -2.81 -9.18
CA PHE A 101 -7.15 -1.82 -8.75
C PHE A 101 -7.69 -0.49 -9.26
N PRO A 102 -7.11 0.63 -8.81
CA PRO A 102 -7.56 1.94 -9.26
C PRO A 102 -7.23 2.12 -10.74
N GLN A 103 -7.60 3.25 -11.32
CA GLN A 103 -7.32 3.51 -12.72
C GLN A 103 -6.78 4.92 -12.89
N LYS A 104 -5.96 5.34 -11.93
CA LYS A 104 -5.38 6.67 -11.95
C LYS A 104 -4.01 6.71 -12.64
N LEU A 105 -3.36 5.55 -12.70
CA LEU A 105 -2.05 5.42 -13.35
C LEU A 105 -2.03 5.98 -14.77
N LYS A 106 -0.89 6.55 -15.15
CA LYS A 106 -0.72 7.08 -16.50
C LYS A 106 0.48 6.40 -17.17
N PHE A 107 0.31 6.03 -18.44
CA PHE A 107 1.39 5.39 -19.21
C PHE A 107 1.62 6.17 -20.50
N ARG A 108 2.83 6.08 -21.04
CA ARG A 108 3.16 6.74 -22.30
C ARG A 108 4.52 6.20 -22.78
N GLU A 109 4.82 6.40 -24.05
CA GLU A 109 6.08 5.93 -24.60
C GLU A 109 7.23 6.73 -24.02
N PRO A 110 8.40 6.10 -23.85
CA PRO A 110 9.52 6.87 -23.29
C PRO A 110 9.84 7.89 -24.36
N GLN A 111 10.38 9.04 -23.97
CA GLN A 111 10.73 10.06 -24.94
C GLN A 111 12.23 10.29 -24.91
N ARG A 112 12.73 10.93 -25.96
CA ARG A 112 14.14 11.23 -26.09
C ARG A 112 14.54 12.10 -24.90
N GLU A 113 15.61 11.71 -24.21
CA GLU A 113 16.11 12.42 -23.03
C GLU A 113 15.35 12.14 -21.74
N GLU A 114 14.50 11.11 -21.70
CA GLU A 114 13.75 10.78 -20.48
C GLU A 114 14.68 10.68 -19.28
N ARG A 115 14.23 11.19 -18.16
CA ARG A 115 14.97 11.05 -16.92
C ARG A 115 14.06 10.03 -16.23
N ILE A 116 14.62 8.89 -15.84
CA ILE A 116 13.80 7.87 -15.23
C ILE A 116 14.25 7.37 -13.87
N CYS A 117 13.33 6.71 -13.19
CA CYS A 117 13.60 6.10 -11.90
C CYS A 117 12.82 4.79 -11.85
N LEU A 118 13.28 3.86 -11.02
CA LEU A 118 12.64 2.56 -10.88
C LEU A 118 11.81 2.54 -9.59
N VAL A 119 10.52 2.20 -9.70
CA VAL A 119 9.67 2.11 -8.52
C VAL A 119 9.47 0.63 -8.24
N THR A 120 9.77 0.25 -7.00
CA THR A 120 9.69 -1.14 -6.57
C THR A 120 8.87 -1.36 -5.29
N THR A 121 8.45 -2.61 -5.09
CA THR A 121 7.70 -3.01 -3.91
C THR A 121 8.19 -4.41 -3.55
N ASN A 122 8.28 -4.70 -2.26
CA ASN A 122 8.74 -5.99 -1.78
C ASN A 122 7.86 -6.53 -0.66
N PHE A 123 7.42 -7.78 -0.77
CA PHE A 123 6.58 -8.37 0.26
C PHE A 123 7.30 -9.44 1.08
N GLN A 124 7.24 -9.30 2.40
CA GLN A 124 7.85 -10.27 3.31
C GLN A 124 6.74 -10.89 4.15
N THR A 125 7.08 -11.83 5.02
CA THR A 125 6.07 -12.50 5.84
C THR A 125 5.37 -11.57 6.83
N LYS A 126 6.14 -10.77 7.56
CA LYS A 126 5.58 -9.85 8.56
C LYS A 126 5.79 -8.37 8.24
N SER A 127 6.20 -8.06 7.02
CA SER A 127 6.43 -6.67 6.65
C SER A 127 6.41 -6.52 5.15
N SER A 129 7.58 -3.32 1.89
CA SER A 129 8.23 -2.03 1.66
C SER A 129 8.23 -1.66 0.18
N SER A 130 8.43 -0.37 -0.09
CA SER A 130 8.47 0.16 -1.44
C SER A 130 9.48 1.27 -1.47
N VAL A 132 11.75 4.22 -4.41
CA VAL A 132 11.93 4.80 -5.72
C VAL A 132 13.41 5.12 -5.78
N SER A 133 14.06 4.66 -6.84
CA SER A 133 15.50 4.85 -7.04
C SER A 133 15.86 6.29 -7.39
N ASP A 134 17.16 6.57 -7.43
CA ASP A 134 17.62 7.90 -7.82
C ASP A 134 17.32 8.01 -9.32
N THR A 135 17.43 9.21 -9.86
CA THR A 135 17.14 9.46 -11.27
C THR A 135 18.32 9.20 -12.20
N SER A 136 18.03 8.60 -13.35
CA SER A 136 19.07 8.29 -14.33
C SER A 136 18.55 8.50 -15.75
N CYS A 137 19.37 8.37 -16.63
CA CYS A 137 19.04 8.61 -18.01
C CYS A 137 18.75 7.29 -18.77
N THR A 138 18.33 7.27 -20.10
CA THR A 138 18.09 6.09 -20.90
C THR A 138 17.95 6.41 -22.39
N PHE A 139 18.13 5.42 -23.24
CA PHE A 139 17.97 5.59 -24.67
C PHE A 139 17.64 4.25 -25.34
N PRO A 140 16.96 4.30 -26.49
CA PRO A 140 16.56 3.09 -27.23
C PRO A 140 17.68 2.16 -27.65
N SER A 141 17.36 0.87 -27.63
CA SER A 141 18.28 -0.16 -28.09
C SER A 141 17.60 -0.49 -29.42
N SER A 142 18.33 -0.36 -30.52
CA SER A 142 17.77 -0.60 -31.87
C SER A 142 16.35 -0.06 -32.03
N ASP A 143 15.41 -0.96 -32.26
CA ASP A 143 13.99 -0.63 -32.45
C ASP A 143 13.37 0.35 -31.46
N GLY A 144 13.66 0.12 -30.19
CA GLY A 144 13.04 0.95 -29.17
C GLY A 144 12.12 0.01 -28.40
N ILE A 145 12.17 -1.27 -28.76
CA ILE A 145 11.37 -2.27 -28.08
C ILE A 145 11.94 -2.28 -26.66
N PHE A 146 13.25 -2.49 -26.57
CA PHE A 146 13.95 -2.48 -25.30
C PHE A 146 14.66 -1.13 -25.24
N TRP A 147 14.76 -0.57 -24.04
CA TRP A 147 15.47 0.68 -23.81
C TRP A 147 16.53 0.36 -22.75
N LYS A 148 17.74 0.86 -22.94
CA LYS A 148 18.84 0.61 -22.00
C LYS A 148 18.77 1.56 -20.79
N HIS A 149 19.11 1.04 -19.61
CA HIS A 149 19.11 1.87 -18.41
C HIS A 149 20.13 1.28 -17.46
N TRP A 150 20.51 2.03 -16.43
CA TRP A 150 21.51 1.54 -15.52
C TRP A 150 21.14 1.62 -14.04
N ILE A 151 19.83 1.61 -13.76
CA ILE A 151 19.36 1.63 -12.38
C ILE A 151 19.54 0.19 -11.90
N GLN A 152 20.15 0.00 -10.75
CA GLN A 152 20.38 -1.35 -10.26
C GLN A 152 19.11 -2.16 -10.11
N THR A 153 19.12 -3.37 -10.66
CA THR A 153 17.98 -4.27 -10.63
C THR A 153 18.44 -5.68 -10.25
N LYS A 154 17.79 -6.27 -9.26
CA LYS A 154 18.14 -7.61 -8.82
C LYS A 154 17.27 -8.63 -9.54
N ASP A 155 17.78 -9.85 -9.69
CA ASP A 155 17.00 -10.90 -10.33
C ASP A 155 15.69 -11.06 -9.58
N GLY A 156 14.59 -11.07 -10.32
CA GLY A 156 13.29 -11.21 -9.70
C GLY A 156 12.51 -9.91 -9.79
N GLN A 157 13.19 -8.81 -10.06
CA GLN A 157 12.53 -7.51 -10.14
C GLN A 157 11.95 -7.13 -11.50
N ALA A 158 11.99 -8.07 -12.45
CA ALA A 158 11.42 -7.82 -13.76
C ALA A 158 9.95 -7.44 -13.54
N GLY A 159 9.41 -6.54 -14.37
CA GLY A 159 8.03 -6.15 -14.22
C GLY A 159 7.87 -4.86 -13.42
N SER A 160 8.90 -4.50 -12.66
CA SER A 160 8.84 -3.27 -11.87
C SER A 160 8.81 -2.07 -12.83
N PRO A 161 7.96 -1.08 -12.52
CA PRO A 161 7.81 0.12 -13.35
C PRO A 161 8.99 1.07 -13.43
N LEU A 162 9.20 1.61 -14.63
CA LEU A 162 10.21 2.63 -14.83
C LEU A 162 9.34 3.85 -15.06
N VAL A 163 9.56 4.86 -14.23
CA VAL A 163 8.76 6.07 -14.27
C VAL A 163 9.52 7.31 -14.67
N SER A 164 8.85 8.15 -15.44
CA SER A 164 9.44 9.40 -15.89
C SER A 164 9.42 10.41 -14.75
N THR A 165 10.59 10.97 -14.47
CA THR A 165 10.76 11.96 -13.43
C THR A 165 10.05 13.26 -13.81
N ARG A 166 9.84 13.46 -15.11
CA ARG A 166 9.20 14.67 -15.60
C ARG A 166 7.72 14.79 -15.25
N ASP A 167 6.92 13.79 -15.61
CA ASP A 167 5.48 13.86 -15.34
C ASP A 167 4.90 12.71 -14.53
N GLY A 168 5.74 11.87 -13.95
CA GLY A 168 5.22 10.76 -13.18
C GLY A 168 4.57 9.65 -13.99
N PHE A 169 4.68 9.67 -15.32
CA PHE A 169 4.09 8.62 -16.15
C PHE A 169 4.97 7.38 -16.18
N ILE A 170 4.35 6.21 -16.28
CA ILE A 170 5.10 4.96 -16.36
C ILE A 170 5.47 4.82 -17.84
N VAL A 171 6.74 4.67 -18.16
CA VAL A 171 7.13 4.56 -19.57
C VAL A 171 7.67 3.17 -19.96
N GLY A 172 7.63 2.24 -19.02
CA GLY A 172 8.10 0.90 -19.33
C GLY A 172 8.17 0.02 -18.11
N ILE A 173 8.52 -1.26 -18.31
CA ILE A 173 8.65 -2.19 -17.21
C ILE A 173 10.00 -2.88 -17.37
N HIS A 174 10.69 -3.10 -16.26
CA HIS A 174 11.99 -3.74 -16.33
C HIS A 174 11.88 -5.15 -16.90
N SER A 175 12.84 -5.54 -17.72
CA SER A 175 12.82 -6.87 -18.33
C SER A 175 14.05 -7.74 -18.14
N ALA A 176 15.20 -7.24 -18.59
CA ALA A 176 16.39 -8.05 -18.53
C ALA A 176 17.68 -7.26 -18.36
N SER A 177 18.79 -8.02 -18.33
CA SER A 177 20.12 -7.46 -18.18
C SER A 177 21.09 -8.35 -18.96
N ASN A 178 22.28 -7.85 -19.25
CA ASN A 178 23.25 -8.67 -19.95
C ASN A 178 23.84 -9.61 -18.92
N PHE A 179 24.62 -10.59 -19.37
CA PHE A 179 25.20 -11.59 -18.49
C PHE A 179 26.06 -11.08 -17.35
N THR A 180 26.67 -9.91 -17.52
CA THR A 180 27.52 -9.35 -16.46
C THR A 180 26.78 -8.30 -15.62
N ASN A 181 25.49 -8.12 -15.88
CA ASN A 181 24.68 -7.14 -15.17
C ASN A 181 25.26 -5.74 -15.19
N THR A 182 25.80 -5.33 -16.34
CA THR A 182 26.38 -3.99 -16.47
C THR A 182 25.42 -3.14 -17.30
N ASN A 183 24.53 -3.81 -18.02
CA ASN A 183 23.54 -3.14 -18.85
C ASN A 183 22.17 -3.72 -18.56
N ASN A 184 21.21 -2.85 -18.23
CA ASN A 184 19.86 -3.31 -17.97
C ASN A 184 18.95 -2.85 -19.09
N TYR A 185 17.84 -3.57 -19.27
CA TYR A 185 16.91 -3.23 -20.34
C TYR A 185 15.46 -3.31 -19.88
N PHE A 186 14.70 -2.28 -20.18
CA PHE A 186 13.29 -2.31 -19.84
C PHE A 186 12.49 -2.30 -21.13
N THR A 187 11.29 -2.86 -21.08
CA THR A 187 10.42 -2.92 -22.25
C THR A 187 9.60 -1.64 -22.23
N SER A 188 9.64 -0.90 -23.34
CA SER A 188 8.91 0.35 -23.44
C SER A 188 7.41 0.21 -23.61
N VAL A 189 6.67 1.16 -23.06
CA VAL A 189 5.23 1.17 -23.21
C VAL A 189 5.02 1.48 -24.71
N PRO A 190 4.10 0.76 -25.37
CA PRO A 190 3.86 1.01 -26.79
C PRO A 190 2.94 2.20 -27.01
N LYS A 191 2.84 2.63 -28.26
CA LYS A 191 1.98 3.75 -28.62
C LYS A 191 0.52 3.37 -28.39
N ASN A 192 -0.30 4.34 -27.99
CA ASN A 192 -1.73 4.12 -27.75
C ASN A 192 -2.04 3.15 -26.61
N PHE A 193 -1.10 2.99 -25.68
CA PHE A 193 -1.30 2.06 -24.58
C PHE A 193 -2.52 2.41 -23.72
N GLU A 195 -5.25 3.94 -24.47
CA GLU A 195 -6.46 3.55 -25.18
C GLU A 195 -6.71 2.07 -25.02
N LEU A 196 -5.65 1.29 -25.10
CA LEU A 196 -5.76 -0.16 -24.97
C LEU A 196 -6.34 -0.56 -23.62
N LEU A 197 -5.97 0.18 -22.58
CA LEU A 197 -6.47 -0.13 -21.24
C LEU A 197 -7.92 0.29 -21.01
N THR A 198 -8.37 1.30 -21.74
CA THR A 198 -9.72 1.80 -21.54
C THR A 198 -10.68 1.64 -22.73
N ASN A 199 -10.33 0.77 -23.66
CA ASN A 199 -11.14 0.50 -24.85
C ASN A 199 -11.21 -1.00 -25.10
N GLN A 200 -12.25 -1.66 -24.62
CA GLN A 200 -12.34 -3.11 -24.83
C GLN A 200 -12.29 -3.45 -26.31
N GLU A 201 -12.76 -2.53 -27.15
CA GLU A 201 -12.76 -2.77 -28.59
C GLU A 201 -11.35 -2.90 -29.13
N ALA A 202 -10.39 -2.34 -28.40
CA ALA A 202 -8.99 -2.40 -28.80
C ALA A 202 -8.29 -3.61 -28.18
N GLN A 203 -9.00 -4.28 -27.28
CA GLN A 203 -8.45 -5.45 -26.60
C GLN A 203 -8.58 -6.74 -27.42
N GLN A 204 -7.52 -7.53 -27.45
CA GLN A 204 -7.51 -8.79 -28.20
C GLN A 204 -7.29 -9.96 -27.25
N TRP A 205 -8.33 -10.30 -26.49
CA TRP A 205 -8.23 -11.37 -25.51
C TRP A 205 -8.07 -12.78 -26.06
N VAL A 206 -7.09 -13.48 -25.52
CA VAL A 206 -6.77 -14.84 -25.89
C VAL A 206 -6.42 -15.59 -24.61
N SER A 207 -6.10 -16.87 -24.71
CA SER A 207 -5.73 -17.65 -23.54
C SER A 207 -4.96 -18.91 -23.90
N GLY A 208 -4.33 -19.51 -22.91
CA GLY A 208 -3.57 -20.73 -23.13
C GLY A 208 -2.21 -20.53 -23.77
N TRP A 209 -1.91 -19.31 -24.21
CA TRP A 209 -0.63 -19.01 -24.85
C TRP A 209 0.56 -19.25 -23.93
N ARG A 210 1.62 -19.82 -24.47
CA ARG A 210 2.84 -20.06 -23.71
C ARG A 210 4.03 -20.23 -24.67
N LEU A 211 5.24 -20.02 -24.16
CA LEU A 211 6.42 -20.17 -24.99
C LEU A 211 6.86 -21.64 -24.99
N ASN A 212 7.70 -22.02 -25.94
CA ASN A 212 8.15 -23.40 -25.98
C ASN A 212 9.66 -23.51 -25.90
N ALA A 213 10.32 -22.36 -25.78
CA ALA A 213 11.79 -22.33 -25.71
C ALA A 213 12.33 -21.57 -24.50
N ASP A 214 13.60 -21.80 -24.21
CA ASP A 214 14.28 -21.14 -23.10
C ASP A 214 15.04 -19.94 -23.62
N SER A 215 14.75 -19.57 -24.87
CA SER A 215 15.41 -18.46 -25.49
C SER A 215 14.43 -17.81 -26.44
N VAL A 216 14.53 -16.50 -26.62
CA VAL A 216 13.61 -15.82 -27.49
C VAL A 216 14.35 -14.68 -28.21
N LEU A 217 13.79 -14.20 -29.31
CA LEU A 217 14.43 -13.13 -30.06
C LEU A 217 13.46 -11.96 -30.20
N TRP A 218 13.57 -11.00 -29.28
CA TRP A 218 12.68 -9.84 -29.32
C TRP A 218 13.52 -8.55 -29.30
N GLY A 219 13.00 -7.50 -29.93
CA GLY A 219 13.69 -6.23 -29.95
C GLY A 219 15.13 -6.24 -30.42
N GLY A 220 15.50 -7.22 -31.25
CA GLY A 220 16.86 -7.29 -31.75
C GLY A 220 17.84 -7.96 -30.80
N HIS A 221 17.34 -8.50 -29.71
CA HIS A 221 18.20 -9.18 -28.75
C HIS A 221 17.75 -10.62 -28.57
N LYS A 222 18.71 -11.49 -28.32
CA LYS A 222 18.40 -12.89 -28.03
C LYS A 222 18.33 -12.88 -26.52
N VAL A 223 17.20 -13.26 -25.94
CA VAL A 223 17.05 -13.24 -24.49
C VAL A 223 16.73 -14.61 -23.92
N PHE A 224 17.47 -15.00 -22.89
CA PHE A 224 17.27 -16.29 -22.24
C PHE A 224 16.42 -16.14 -20.98
N SER A 226 16.93 -17.47 -18.28
CA SER A 226 17.80 -17.38 -17.12
C SER A 226 19.25 -17.27 -17.56
N LYS A 227 20.09 -16.68 -16.71
CA LYS A 227 21.50 -16.51 -17.03
C LYS A 227 22.19 -17.86 -17.26
N PRO A 228 22.77 -18.05 -18.45
CA PRO A 228 23.48 -19.30 -18.75
C PRO A 228 24.63 -19.52 -17.77
N THR B 1 24.07 -7.07 -31.22
CA THR B 1 23.59 -6.74 -29.84
C THR B 1 23.90 -7.90 -28.89
N GLU B 2 24.27 -7.56 -27.65
CA GLU B 2 24.60 -8.57 -26.66
C GLU B 2 23.38 -9.39 -26.26
N ASN B 3 23.62 -10.64 -25.89
CA ASN B 3 22.54 -11.53 -25.44
C ASN B 3 22.12 -11.09 -24.04
N LEU B 4 20.84 -11.30 -23.72
CA LEU B 4 20.33 -10.89 -22.42
C LEU B 4 19.61 -12.05 -21.76
N TYR B 5 19.22 -11.85 -20.50
CA TYR B 5 18.44 -12.84 -19.79
C TYR B 5 17.39 -12.08 -19.00
N PHE B 6 16.17 -12.62 -18.94
CA PHE B 6 15.08 -11.99 -18.21
C PHE B 6 15.35 -12.06 -16.72
N GLN B 7 15.19 -10.93 -16.04
CA GLN B 7 15.44 -10.90 -14.60
C GLN B 7 14.23 -11.24 -13.74
N SER B 8 13.57 -12.33 -14.11
CA SER B 8 12.42 -12.83 -13.36
C SER B 8 13.01 -13.71 -12.28
N GLY B 9 12.21 -14.03 -11.27
CA GLY B 9 12.76 -14.85 -10.21
C GLY B 9 12.47 -16.33 -10.27
N THR B 10 13.02 -17.07 -9.31
CA THR B 10 12.82 -18.51 -9.25
C THR B 10 11.36 -18.82 -8.88
N PRO C 15 0.49 -18.09 7.65
CA PRO C 15 0.58 -16.79 8.36
C PRO C 15 -0.46 -15.83 7.81
N ARG C 16 -1.05 -15.05 8.70
CA ARG C 16 -2.08 -14.08 8.31
C ARG C 16 -1.47 -12.92 7.51
N ASP C 17 -2.18 -12.49 6.46
CA ASP C 17 -1.72 -11.38 5.65
C ASP C 17 -2.37 -10.11 6.19
N TYR C 18 -1.55 -9.18 6.69
CA TYR C 18 -2.07 -7.94 7.26
C TYR C 18 -2.01 -6.74 6.33
N ASN C 19 -1.64 -6.95 5.07
CA ASN C 19 -1.57 -5.82 4.16
C ASN C 19 -2.92 -5.15 3.93
N PRO C 20 -4.02 -5.94 3.92
CA PRO C 20 -5.35 -5.34 3.71
C PRO C 20 -5.65 -4.32 4.82
N ILE C 21 -4.89 -4.38 5.91
CA ILE C 21 -5.08 -3.44 7.00
C ILE C 21 -4.03 -2.32 6.93
N SER C 22 -2.76 -2.69 6.84
CA SER C 22 -1.71 -1.69 6.79
C SER C 22 -1.87 -0.73 5.62
N SER C 23 -2.45 -1.19 4.52
CA SER C 23 -2.62 -0.33 3.35
C SER C 23 -3.68 0.77 3.56
N THR C 24 -4.51 0.65 4.59
CA THR C 24 -5.53 1.67 4.86
C THR C 24 -5.05 2.69 5.90
N ILE C 25 -3.84 2.51 6.41
CA ILE C 25 -3.33 3.43 7.41
C ILE C 25 -2.89 4.74 6.81
N CYS C 26 -3.26 5.83 7.48
CA CYS C 26 -2.93 7.18 7.05
C CYS C 26 -2.12 7.86 8.14
N HIS C 27 -1.27 8.80 7.76
CA HIS C 27 -0.52 9.54 8.74
C HIS C 27 -1.14 10.92 8.75
N LEU C 28 -1.48 11.40 9.94
CA LEU C 28 -2.14 12.69 10.07
C LEU C 28 -1.31 13.74 10.79
N THR C 29 -1.31 14.95 10.25
CA THR C 29 -0.57 16.04 10.87
C THR C 29 -1.48 17.26 11.04
N ASN C 30 -1.77 17.59 12.29
CA ASN C 30 -2.63 18.72 12.60
C ASN C 30 -1.76 19.93 12.91
N GLU C 31 -1.79 20.91 12.02
CA GLU C 31 -1.02 22.15 12.18
C GLU C 31 -1.97 23.26 12.64
N SER C 32 -1.85 23.68 13.89
CA SER C 32 -2.71 24.75 14.41
C SER C 32 -2.00 25.67 15.39
N ASP C 33 -2.24 26.97 15.26
CA ASP C 33 -1.65 27.97 16.13
C ASP C 33 -0.17 27.73 16.39
N GLY C 34 0.59 27.48 15.34
CA GLY C 34 2.02 27.26 15.49
C GLY C 34 2.42 25.97 16.17
N HIS C 35 1.46 25.05 16.32
CA HIS C 35 1.77 23.77 16.94
C HIS C 35 1.27 22.67 16.02
N THR C 36 1.80 21.47 16.21
CA THR C 36 1.39 20.34 15.39
C THR C 36 1.27 19.05 16.18
N THR C 37 0.25 18.27 15.85
CA THR C 37 0.03 16.99 16.48
C THR C 37 0.03 16.00 15.32
N SER C 38 0.87 14.98 15.41
CA SER C 38 0.93 14.00 14.34
C SER C 38 0.68 12.62 14.90
N LEU C 39 -0.12 11.84 14.17
CA LEU C 39 -0.43 10.48 14.55
C LEU C 39 -1.02 9.74 13.37
N TYR C 40 -1.46 8.50 13.59
CA TYR C 40 -2.01 7.71 12.50
C TYR C 40 -3.52 7.54 12.58
N GLY C 41 -4.09 7.12 11.46
CA GLY C 41 -5.52 6.89 11.36
C GLY C 41 -5.76 5.71 10.44
N ILE C 42 -7.00 5.23 10.45
CA ILE C 42 -7.40 4.11 9.62
C ILE C 42 -8.50 4.57 8.67
N GLY C 43 -8.20 4.54 7.37
CA GLY C 43 -9.16 4.95 6.38
C GLY C 43 -10.24 3.90 6.17
N PHE C 44 -11.47 4.36 5.95
CA PHE C 44 -12.59 3.46 5.72
C PHE C 44 -13.65 4.25 4.97
N GLY C 45 -13.79 3.93 3.69
CA GLY C 45 -14.74 4.64 2.86
C GLY C 45 -14.39 6.11 2.86
N PRO C 46 -15.35 7.00 3.13
CA PRO C 46 -15.06 8.44 3.17
C PRO C 46 -14.60 8.90 4.53
N PHE C 47 -14.35 7.95 5.43
CA PHE C 47 -13.92 8.30 6.78
C PHE C 47 -12.48 7.94 7.11
N ILE C 48 -12.02 8.50 8.22
CA ILE C 48 -10.71 8.20 8.75
C ILE C 48 -10.96 8.06 10.24
N ILE C 49 -10.65 6.89 10.78
CA ILE C 49 -10.83 6.62 12.20
C ILE C 49 -9.50 6.91 12.86
N THR C 50 -9.51 7.72 13.91
CA THR C 50 -8.27 8.08 14.59
C THR C 50 -8.49 8.53 16.04
N ASN C 51 -7.43 9.02 16.68
CA ASN C 51 -7.53 9.46 18.07
C ASN C 51 -8.21 10.80 18.25
N LYS C 52 -9.00 10.91 19.30
CA LYS C 52 -9.69 12.14 19.62
C LYS C 52 -8.65 13.22 19.92
N HIS C 53 -7.56 12.86 20.59
CA HIS C 53 -6.55 13.87 20.92
C HIS C 53 -5.83 14.46 19.72
N LEU C 54 -6.23 14.07 18.52
CA LEU C 54 -5.64 14.63 17.32
C LEU C 54 -6.10 16.09 17.31
N PHE C 55 -7.24 16.34 17.93
CA PHE C 55 -7.80 17.68 17.98
C PHE C 55 -7.55 18.40 19.30
N ARG C 56 -6.32 18.29 19.78
CA ARG C 56 -5.89 18.98 20.99
C ARG C 56 -6.18 20.43 20.63
N ARG C 57 -6.03 20.72 19.34
CA ARG C 57 -6.29 22.04 18.79
C ARG C 57 -7.12 21.82 17.53
N ASN C 58 -7.80 22.85 17.08
CA ASN C 58 -8.61 22.75 15.88
C ASN C 58 -8.82 24.14 15.31
N ASN C 59 -7.78 24.65 14.65
CA ASN C 59 -7.83 25.97 14.06
C ASN C 59 -6.66 26.10 13.08
N GLY C 60 -6.55 25.12 12.18
CA GLY C 60 -5.49 25.12 11.21
C GLY C 60 -5.72 24.20 10.03
N THR C 61 -4.71 23.38 9.71
CA THR C 61 -4.79 22.46 8.58
C THR C 61 -4.49 21.02 8.96
N LEU C 62 -5.03 20.09 8.17
CA LEU C 62 -4.80 18.67 8.40
C LEU C 62 -4.16 18.02 7.18
N LEU C 63 -2.92 17.58 7.34
CA LEU C 63 -2.20 16.92 6.26
C LEU C 63 -2.48 15.42 6.38
N VAL C 64 -3.01 14.83 5.31
CA VAL C 64 -3.32 13.41 5.32
C VAL C 64 -2.49 12.65 4.29
N GLN C 65 -1.63 11.75 4.76
CA GLN C 65 -0.80 10.96 3.87
C GLN C 65 -1.12 9.47 3.92
N SER C 66 -1.31 8.88 2.74
CA SER C 66 -1.61 7.45 2.63
C SER C 66 -1.00 6.97 1.31
N LEU C 67 -1.17 5.69 1.01
CA LEU C 67 -0.63 5.14 -0.22
C LEU C 67 -1.28 5.76 -1.45
N HIS C 68 -2.38 6.47 -1.26
CA HIS C 68 -3.09 7.12 -2.36
C HIS C 68 -2.43 8.44 -2.71
N GLY C 69 -1.70 9.00 -1.76
CA GLY C 69 -1.05 10.28 -1.97
C GLY C 69 -1.22 11.17 -0.75
N VAL C 70 -0.86 12.44 -0.92
CA VAL C 70 -0.96 13.41 0.15
C VAL C 70 -2.10 14.39 -0.11
N PHE C 71 -3.07 14.43 0.80
CA PHE C 71 -4.24 15.30 0.68
C PHE C 71 -4.21 16.29 1.84
N LYS C 72 -4.53 17.56 1.56
CA LYS C 72 -4.50 18.55 2.62
C LYS C 72 -5.81 19.28 2.87
N VAL C 73 -6.27 19.22 4.11
CA VAL C 73 -7.50 19.91 4.48
C VAL C 73 -7.09 21.33 4.85
N LYS C 74 -7.63 22.31 4.13
CA LYS C 74 -7.29 23.70 4.37
C LYS C 74 -7.83 24.28 5.67
N ASN C 75 -9.06 23.89 6.05
CA ASN C 75 -9.66 24.39 7.29
C ASN C 75 -10.19 23.25 8.15
N THR C 76 -9.45 22.90 9.20
CA THR C 76 -9.86 21.82 10.09
C THR C 76 -11.17 22.12 10.81
N THR C 77 -11.41 23.39 11.14
CA THR C 77 -12.63 23.78 11.86
C THR C 77 -13.92 23.37 11.18
N THR C 78 -13.91 23.16 9.86
CA THR C 78 -15.12 22.78 9.16
C THR C 78 -15.14 21.28 8.85
N LEU C 79 -14.14 20.56 9.35
CA LEU C 79 -14.04 19.13 9.14
C LEU C 79 -15.11 18.45 10.01
N GLN C 80 -15.99 17.67 9.39
CA GLN C 80 -17.04 17.00 10.15
C GLN C 80 -16.44 15.88 11.01
N GLN C 81 -16.87 15.84 12.26
CA GLN C 81 -16.34 14.85 13.18
C GLN C 81 -17.42 14.14 14.00
N HIS C 82 -17.17 12.87 14.32
CA HIS C 82 -18.07 12.08 15.13
C HIS C 82 -17.29 11.61 16.36
N LEU C 83 -17.61 12.18 17.51
CA LEU C 83 -16.93 11.85 18.77
C LEU C 83 -17.49 10.61 19.44
N ILE C 84 -16.60 9.71 19.85
CA ILE C 84 -17.03 8.50 20.55
C ILE C 84 -17.02 8.81 22.04
N ASP C 85 -18.19 8.71 22.68
CA ASP C 85 -18.28 8.99 24.12
C ASP C 85 -17.19 8.30 24.95
N GLY C 86 -16.58 9.07 25.83
CA GLY C 86 -15.56 8.57 26.74
C GLY C 86 -14.31 7.89 26.24
N ARG C 87 -14.09 7.85 24.93
CA ARG C 87 -12.92 7.20 24.38
C ARG C 87 -12.03 8.14 23.57
N ASP C 88 -10.77 7.78 23.43
CA ASP C 88 -9.83 8.56 22.64
C ASP C 88 -9.96 8.06 21.20
N ILE C 90 -12.20 9.04 17.39
CA ILE C 90 -13.06 9.98 16.68
C ILE C 90 -13.11 9.54 15.21
N ILE C 91 -14.21 9.84 14.53
CA ILE C 91 -14.36 9.50 13.13
C ILE C 91 -14.41 10.80 12.32
N ILE C 92 -13.50 10.95 11.37
CA ILE C 92 -13.47 12.14 10.55
C ILE C 92 -14.05 11.87 9.16
N ARG C 93 -15.03 12.67 8.76
CA ARG C 93 -15.60 12.54 7.43
C ARG C 93 -14.73 13.46 6.59
N PRO C 95 -13.30 15.63 3.22
CA PRO C 95 -13.95 16.45 2.19
C PRO C 95 -14.50 15.60 1.04
N LYS C 96 -15.54 16.10 0.38
CA LYS C 96 -16.17 15.38 -0.71
C LYS C 96 -15.22 14.95 -1.82
N ASP C 97 -14.15 15.71 -2.02
CA ASP C 97 -13.20 15.37 -3.08
C ASP C 97 -12.02 14.54 -2.59
N PHE C 98 -12.19 13.91 -1.43
CA PHE C 98 -11.14 13.06 -0.87
C PHE C 98 -11.35 11.66 -1.42
N PRO C 99 -10.33 11.10 -2.08
CA PRO C 99 -10.46 9.74 -2.63
C PRO C 99 -10.80 8.76 -1.50
N PRO C 100 -11.92 8.05 -1.63
CA PRO C 100 -12.42 7.07 -0.65
C PRO C 100 -11.52 5.84 -0.46
N PHE C 101 -11.56 5.28 0.74
CA PHE C 101 -10.81 4.06 1.04
C PHE C 101 -11.82 2.93 0.87
N PRO C 102 -11.35 1.67 0.85
CA PRO C 102 -12.29 0.55 0.69
C PRO C 102 -13.14 0.46 1.95
N GLN C 103 -13.96 -0.59 2.05
CA GLN C 103 -14.77 -0.78 3.23
C GLN C 103 -14.85 -2.27 3.58
N LYS C 104 -13.70 -2.93 3.48
CA LYS C 104 -13.59 -4.35 3.77
C LYS C 104 -13.19 -4.63 5.21
N LEU C 105 -12.51 -3.67 5.83
CA LEU C 105 -12.06 -3.79 7.22
C LEU C 105 -13.15 -4.23 8.18
N LYS C 106 -12.78 -5.01 9.19
CA LYS C 106 -13.72 -5.47 10.20
C LYS C 106 -13.29 -4.99 11.58
N PHE C 107 -14.22 -4.41 12.32
CA PHE C 107 -13.95 -3.93 13.68
C PHE C 107 -14.87 -4.61 14.68
N ARG C 108 -14.40 -4.79 15.92
CA ARG C 108 -15.21 -5.39 16.97
C ARG C 108 -14.54 -5.08 18.30
N GLU C 109 -15.29 -5.25 19.38
CA GLU C 109 -14.73 -4.98 20.70
C GLU C 109 -13.72 -6.06 21.03
N PRO C 110 -12.69 -5.71 21.80
CA PRO C 110 -11.68 -6.68 22.19
C PRO C 110 -12.39 -7.65 23.13
N GLN C 111 -11.91 -8.87 23.21
CA GLN C 111 -12.50 -9.86 24.11
C GLN C 111 -11.39 -10.26 25.07
N ARG C 112 -11.74 -10.61 26.31
CA ARG C 112 -10.72 -11.01 27.28
C ARG C 112 -9.94 -12.20 26.78
N GLU C 113 -8.66 -12.27 27.15
CA GLU C 113 -7.79 -13.37 26.73
C GLU C 113 -7.46 -13.27 25.26
N GLU C 114 -7.62 -12.09 24.70
CA GLU C 114 -7.37 -11.85 23.29
C GLU C 114 -5.88 -11.70 23.03
N ARG C 115 -5.44 -12.25 21.91
CA ARG C 115 -4.04 -12.10 21.52
C ARG C 115 -4.06 -11.07 20.38
N ILE C 116 -3.27 -10.02 20.53
CA ILE C 116 -3.25 -8.99 19.51
C ILE C 116 -1.87 -8.68 18.98
N CYS C 117 -1.85 -7.89 17.90
CA CYS C 117 -0.60 -7.45 17.31
C CYS C 117 -0.86 -6.05 16.79
N LEU C 118 0.21 -5.29 16.61
CA LEU C 118 0.12 -3.91 16.14
C LEU C 118 0.52 -3.82 14.67
N VAL C 119 -0.37 -3.30 13.83
CA VAL C 119 -0.07 -3.14 12.42
C VAL C 119 0.31 -1.68 12.22
N THR C 120 1.47 -1.46 11.63
CA THR C 120 2.01 -0.13 11.42
C THR C 120 2.42 0.19 9.98
N THR C 121 2.51 1.47 9.67
CA THR C 121 2.93 1.92 8.35
C THR C 121 3.76 3.17 8.56
N ASN C 122 4.81 3.33 7.76
CA ASN C 122 5.71 4.46 7.87
C ASN C 122 6.02 5.07 6.51
N PHE C 123 5.94 6.40 6.40
CA PHE C 123 6.22 7.07 5.15
C PHE C 123 7.51 7.89 5.19
N GLN C 124 8.40 7.64 4.23
CA GLN C 124 9.65 8.39 4.11
C GLN C 124 9.61 9.14 2.77
N THR C 125 10.62 9.95 2.52
CA THR C 125 10.64 10.73 1.28
C THR C 125 10.71 9.87 0.01
N LYS C 126 11.61 8.91 0.00
CA LYS C 126 11.77 8.05 -1.17
C LYS C 126 11.41 6.59 -0.95
N SER C 127 10.78 6.29 0.18
CA SER C 127 10.40 4.91 0.46
C SER C 127 9.28 4.88 1.48
N SER C 129 7.15 1.77 4.27
CA SER C 129 7.12 0.41 4.78
C SER C 129 5.95 0.16 5.72
N SER C 130 5.65 -1.11 5.95
CA SER C 130 4.58 -1.52 6.85
C SER C 130 5.02 -2.81 7.50
N VAL C 132 3.76 -5.85 10.87
CA VAL C 132 2.88 -6.30 11.92
C VAL C 132 3.88 -6.71 13.00
N SER C 133 3.67 -6.23 14.21
CA SER C 133 4.57 -6.52 15.34
C SER C 133 4.40 -7.90 15.91
N ASP C 134 5.22 -8.21 16.92
CA ASP C 134 5.10 -9.48 17.61
C ASP C 134 3.78 -9.43 18.37
N THR C 135 3.23 -10.60 18.65
CA THR C 135 1.97 -10.68 19.35
C THR C 135 2.07 -10.19 20.80
N SER C 136 0.93 -10.15 21.48
CA SER C 136 0.93 -9.68 22.86
C SER C 136 -0.41 -9.89 23.50
N CYS C 137 -0.46 -10.05 24.77
CA CYS C 137 -1.77 -10.16 25.31
C CYS C 137 -2.23 -8.81 25.73
N THR C 138 -3.48 -8.81 26.26
CA THR C 138 -4.07 -7.63 26.67
C THR C 138 -5.14 -7.74 27.75
N PHE C 139 -5.27 -6.67 28.54
CA PHE C 139 -6.28 -6.66 29.60
C PHE C 139 -6.96 -5.31 29.69
N PRO C 140 -8.28 -5.31 29.87
CA PRO C 140 -8.97 -4.03 29.97
C PRO C 140 -8.54 -3.34 31.24
N SER C 141 -8.34 -2.03 31.15
CA SER C 141 -7.95 -1.24 32.31
C SER C 141 -9.21 -0.59 32.85
N SER C 142 -9.37 -0.64 34.17
CA SER C 142 -10.52 -0.03 34.80
C SER C 142 -11.83 -0.31 34.07
N ASP C 143 -12.38 0.73 33.45
CA ASP C 143 -13.64 0.68 32.72
C ASP C 143 -13.62 -0.20 31.47
N GLY C 144 -12.48 -0.29 30.81
CA GLY C 144 -12.41 -1.07 29.59
C GLY C 144 -12.30 -0.12 28.41
N ILE C 145 -12.22 1.17 28.70
CA ILE C 145 -12.09 2.20 27.68
C ILE C 145 -10.69 1.97 27.11
N PHE C 146 -9.70 1.96 28.00
CA PHE C 146 -8.32 1.69 27.62
C PHE C 146 -8.04 0.22 27.96
N TRP C 147 -7.22 -0.42 27.14
CA TRP C 147 -6.81 -1.81 27.36
C TRP C 147 -5.28 -1.79 27.39
N LYS C 148 -4.69 -2.56 28.31
CA LYS C 148 -3.24 -2.62 28.45
C LYS C 148 -2.65 -3.62 27.48
N HIS C 149 -1.49 -3.31 26.93
CA HIS C 149 -0.80 -4.23 26.03
C HIS C 149 0.68 -3.94 26.14
N TRP C 150 1.52 -4.86 25.70
CA TRP C 150 2.95 -4.64 25.83
C TRP C 150 3.75 -4.71 24.53
N ILE C 151 3.10 -4.36 23.42
CA ILE C 151 3.78 -4.33 22.14
C ILE C 151 4.52 -3.00 22.14
N GLN C 152 5.79 -3.02 21.75
CA GLN C 152 6.57 -1.79 21.73
C GLN C 152 5.97 -0.78 20.78
N THR C 153 5.78 0.44 21.28
CA THR C 153 5.21 1.53 20.51
C THR C 153 6.04 2.78 20.71
N LYS C 154 6.46 3.40 19.61
CA LYS C 154 7.26 4.61 19.68
C LYS C 154 6.36 5.84 19.68
N ASP C 155 6.84 6.94 20.24
CA ASP C 155 6.04 8.16 20.25
C ASP C 155 5.75 8.53 18.82
N GLY C 156 4.48 8.79 18.52
CA GLY C 156 4.09 9.14 17.18
C GLY C 156 3.25 8.07 16.51
N GLN C 157 3.29 6.86 17.06
CA GLN C 157 2.54 5.74 16.50
C GLN C 157 1.09 5.62 16.96
N ALA C 158 0.63 6.58 17.77
CA ALA C 158 -0.75 6.58 18.24
C ALA C 158 -1.66 6.52 17.02
N GLY C 159 -2.78 5.81 17.14
CA GLY C 159 -3.68 5.71 16.00
C GLY C 159 -3.48 4.45 15.20
N SER C 160 -2.34 3.79 15.37
CA SER C 160 -2.05 2.55 14.66
C SER C 160 -3.00 1.47 15.19
N PRO C 161 -3.52 0.63 14.29
CA PRO C 161 -4.45 -0.46 14.62
C PRO C 161 -3.88 -1.63 15.42
N LEU C 162 -4.66 -2.11 16.37
CA LEU C 162 -4.27 -3.30 17.14
C LEU C 162 -5.25 -4.32 16.59
N VAL C 163 -4.70 -5.41 16.07
CA VAL C 163 -5.51 -6.43 15.43
C VAL C 163 -5.53 -7.76 16.16
N SER C 164 -6.70 -8.40 16.14
CA SER C 164 -6.87 -9.70 16.77
C SER C 164 -6.24 -10.76 15.89
N THR C 165 -5.45 -11.62 16.51
CA THR C 165 -4.77 -12.69 15.79
C THR C 165 -5.76 -13.79 15.41
N ARG C 166 -6.87 -13.85 16.13
CA ARG C 166 -7.88 -14.86 15.88
C ARG C 166 -8.63 -14.70 14.56
N ASP C 167 -9.24 -13.53 14.34
CA ASP C 167 -10.02 -13.31 13.14
C ASP C 167 -9.58 -12.15 12.27
N GLY C 168 -8.47 -11.52 12.63
CA GLY C 168 -7.99 -10.39 11.84
C GLY C 168 -8.81 -9.12 11.98
N PHE C 169 -9.71 -9.06 12.96
CA PHE C 169 -10.51 -7.85 13.15
C PHE C 169 -9.70 -6.81 13.91
N ILE C 170 -9.99 -5.53 13.67
CA ILE C 170 -9.33 -4.44 14.38
C ILE C 170 -10.13 -4.25 15.68
N VAL C 171 -9.47 -4.30 16.83
CA VAL C 171 -10.16 -4.18 18.10
C VAL C 171 -9.87 -2.91 18.88
N GLY C 172 -9.09 -2.02 18.29
CA GLY C 172 -8.74 -0.78 18.95
C GLY C 172 -7.63 -0.05 18.22
N ILE C 173 -7.25 1.10 18.74
CA ILE C 173 -6.16 1.90 18.16
C ILE C 173 -5.23 2.32 19.29
N HIS C 174 -3.93 2.28 19.03
CA HIS C 174 -2.99 2.66 20.07
C HIS C 174 -3.22 4.10 20.53
N SER C 175 -3.04 4.34 21.81
CA SER C 175 -3.24 5.69 22.34
C SER C 175 -2.12 6.22 23.19
N ALA C 176 -1.79 5.51 24.26
CA ALA C 176 -0.77 6.03 25.16
C ALA C 176 0.09 5.01 25.88
N SER C 177 0.96 5.54 26.74
CA SER C 177 1.88 4.74 27.53
C SER C 177 2.13 5.45 28.87
N ASN C 178 2.60 4.70 29.86
CA ASN C 178 2.91 5.29 31.16
C ASN C 178 4.25 6.01 31.00
N PHE C 179 4.57 6.91 31.92
CA PHE C 179 5.79 7.69 31.86
C PHE C 179 7.11 6.95 31.62
N THR C 180 7.17 5.68 32.01
CA THR C 180 8.39 4.90 31.83
C THR C 180 8.31 3.95 30.63
N ASN C 181 7.22 4.07 29.86
CA ASN C 181 7.00 3.23 28.69
C ASN C 181 7.12 1.74 29.00
N THR C 182 6.57 1.33 30.14
CA THR C 182 6.60 -0.08 30.53
C THR C 182 5.20 -0.66 30.38
N ASN C 183 4.22 0.23 30.23
CA ASN C 183 2.84 -0.18 30.04
C ASN C 183 2.26 0.62 28.89
N ASN C 184 1.65 -0.06 27.94
CA ASN C 184 1.05 0.62 26.80
C ASN C 184 -0.46 0.45 26.82
N TYR C 185 -1.15 1.44 26.28
CA TYR C 185 -2.60 1.41 26.28
C TYR C 185 -3.24 1.78 24.95
N PHE C 186 -4.18 0.96 24.50
CA PHE C 186 -4.89 1.26 23.27
C PHE C 186 -6.36 1.52 23.62
N THR C 187 -7.03 2.32 22.79
CA THR C 187 -8.43 2.63 23.00
C THR C 187 -9.23 1.57 22.27
N SER C 188 -10.11 0.89 23.01
CA SER C 188 -10.91 -0.18 22.43
C SER C 188 -11.99 0.30 21.48
N VAL C 189 -12.33 -0.57 20.52
CA VAL C 189 -13.39 -0.29 19.57
C VAL C 189 -14.67 -0.47 20.40
N PRO C 190 -15.61 0.48 20.33
CA PRO C 190 -16.84 0.35 21.12
C PRO C 190 -17.84 -0.61 20.50
N LYS C 191 -18.88 -0.92 21.25
CA LYS C 191 -19.94 -1.80 20.79
C LYS C 191 -20.68 -1.13 19.62
N ASN C 192 -21.14 -1.95 18.67
CA ASN C 192 -21.88 -1.45 17.51
C ASN C 192 -21.09 -0.53 16.59
N PHE C 193 -19.76 -0.63 16.64
CA PHE C 193 -18.94 0.24 15.83
C PHE C 193 -19.22 0.09 14.33
N GLU C 195 -21.85 -0.76 12.84
CA GLU C 195 -23.14 -0.14 12.63
C GLU C 195 -22.95 1.37 12.44
N LEU C 196 -22.10 1.95 13.27
CA LEU C 196 -21.82 3.38 13.23
C LEU C 196 -21.20 3.79 11.89
N LEU C 197 -20.31 2.97 11.36
CA LEU C 197 -19.65 3.30 10.10
C LEU C 197 -20.57 3.11 8.91
N THR C 198 -21.58 2.27 9.09
CA THR C 198 -22.50 1.94 8.01
C THR C 198 -23.87 2.62 7.99
N ASN C 199 -24.37 3.02 9.15
CA ASN C 199 -25.69 3.64 9.21
C ASN C 199 -25.67 5.10 9.64
N GLN C 200 -25.99 5.98 8.71
CA GLN C 200 -25.99 7.41 9.00
C GLN C 200 -26.91 7.83 10.14
N GLU C 201 -27.87 7.00 10.48
CA GLU C 201 -28.79 7.34 11.57
C GLU C 201 -28.06 7.32 12.90
N ALA C 202 -26.98 6.54 12.99
CA ALA C 202 -26.20 6.43 14.20
C ALA C 202 -25.09 7.48 14.28
N GLN C 203 -24.85 8.17 13.17
CA GLN C 203 -23.80 9.18 13.11
C GLN C 203 -24.23 10.53 13.67
N GLN C 204 -23.32 11.16 14.40
CA GLN C 204 -23.55 12.46 15.02
C GLN C 204 -22.50 13.44 14.54
N TRP C 205 -22.69 13.96 13.34
CA TRP C 205 -21.69 14.88 12.80
C TRP C 205 -21.69 16.25 13.45
N VAL C 206 -20.50 16.68 13.87
CA VAL C 206 -20.29 17.97 14.49
C VAL C 206 -18.98 18.53 13.93
N SER C 207 -18.61 19.73 14.32
CA SER C 207 -17.38 20.33 13.84
C SER C 207 -16.89 21.41 14.79
N GLY C 208 -15.65 21.84 14.57
CA GLY C 208 -15.06 22.87 15.40
C GLY C 208 -14.59 22.41 16.75
N TRP C 209 -14.96 21.19 17.13
CA TRP C 209 -14.58 20.65 18.44
C TRP C 209 -13.08 20.49 18.60
N ARG C 210 -12.59 20.88 19.79
CA ARG C 210 -11.18 20.75 20.12
C ARG C 210 -11.02 20.61 21.62
N LEU C 211 -9.94 19.97 22.04
CA LEU C 211 -9.66 19.80 23.45
C LEU C 211 -9.28 21.18 23.98
N ASN C 212 -9.42 21.38 25.28
CA ASN C 212 -9.11 22.66 25.87
C ASN C 212 -8.43 22.40 27.21
N ALA C 213 -7.32 21.66 27.17
CA ALA C 213 -6.58 21.33 28.37
C ALA C 213 -5.33 20.53 28.00
N ASP C 214 -4.31 20.60 28.85
CA ASP C 214 -3.07 19.87 28.59
C ASP C 214 -3.17 18.47 29.16
N SER C 215 -4.29 18.19 29.82
CA SER C 215 -4.49 16.87 30.39
C SER C 215 -5.94 16.47 30.26
N VAL C 216 -6.20 15.18 30.30
CA VAL C 216 -7.56 14.70 30.17
C VAL C 216 -7.77 13.48 31.08
N LEU C 217 -9.02 13.22 31.45
CA LEU C 217 -9.35 12.10 32.32
C LEU C 217 -10.35 11.16 31.64
N TRP C 218 -9.82 10.17 30.93
CA TRP C 218 -10.68 9.22 30.24
C TRP C 218 -10.37 7.80 30.68
N GLY C 219 -11.41 6.97 30.73
CA GLY C 219 -11.25 5.59 31.11
C GLY C 219 -10.57 5.36 32.45
N GLY C 220 -10.70 6.32 33.37
CA GLY C 220 -10.10 6.17 34.68
C GLY C 220 -8.64 6.54 34.77
N HIS C 221 -8.08 7.08 33.69
CA HIS C 221 -6.67 7.48 33.67
C HIS C 221 -6.53 8.95 33.36
N LYS C 222 -5.55 9.60 33.98
CA LYS C 222 -5.28 11.01 33.68
C LYS C 222 -4.23 10.91 32.57
N VAL C 223 -4.50 11.52 31.41
CA VAL C 223 -3.57 11.45 30.29
C VAL C 223 -3.09 12.81 29.83
N PHE C 224 -1.78 12.96 29.71
CA PHE C 224 -1.20 14.22 29.27
C PHE C 224 -0.90 14.18 27.76
N SER C 226 1.65 15.13 26.32
CA SER C 226 3.05 14.78 26.10
C SER C 226 3.69 14.46 27.44
N LYS C 227 4.67 13.56 27.44
CA LYS C 227 5.34 13.16 28.66
C LYS C 227 5.94 14.34 29.42
N PRO C 228 5.53 14.53 30.68
CA PRO C 228 6.02 15.62 31.53
C PRO C 228 7.53 15.55 31.71
N THR D 1 -4.96 4.20 39.32
CA THR D 1 -4.38 3.95 37.96
C THR D 1 -3.22 4.90 37.67
N GLU D 2 -2.21 4.40 36.98
CA GLU D 2 -1.05 5.22 36.64
C GLU D 2 -1.40 6.29 35.62
N ASN D 3 -0.67 7.39 35.66
CA ASN D 3 -0.90 8.48 34.72
C ASN D 3 -0.28 8.07 33.39
N LEU D 4 -0.79 8.62 32.30
CA LEU D 4 -0.27 8.26 30.98
C LEU D 4 -0.08 9.51 30.14
N TYR D 5 0.47 9.31 28.93
CA TYR D 5 0.64 10.41 28.00
C TYR D 5 0.36 9.84 26.61
N PHE D 6 -0.32 10.62 25.79
CA PHE D 6 -0.64 10.17 24.43
C PHE D 6 0.63 10.09 23.60
N GLN D 7 0.80 8.96 22.91
CA GLN D 7 1.99 8.78 22.09
C GLN D 7 1.85 9.31 20.68
N SER D 8 1.32 10.53 20.58
CA SER D 8 1.17 11.17 19.29
C SER D 8 2.54 11.83 19.04
N GLY D 9 2.78 12.24 17.80
CA GLY D 9 4.06 12.84 17.49
C GLY D 9 4.08 14.35 17.44
N THR D 10 5.28 14.88 17.25
CA THR D 10 5.48 16.33 17.21
C THR D 10 4.82 16.96 15.98
#